data_8I7T
#
_entry.id   8I7T
#
_cell.length_a   133.155
_cell.length_b   106.109
_cell.length_c   56.4524
_cell.angle_alpha   90.0
_cell.angle_beta   90.0
_cell.angle_gamma   90.0
#
_symmetry.space_group_name_H-M   'P 21 21 2'
#
loop_
_entity.id
_entity.type
_entity.pdbx_description
1 polymer 'Tyrosine-protein kinase ABL1'
2 non-polymer '[3-[5-[5-(dimethylcarbamoyl)pyridin-3-yl]-1H-pyrrolo[2,3-b]pyridin-3-yl]-4-methoxy-phenyl] ethanesulfonate'
#
_entity_poly.entity_id   1
_entity_poly.type   'polypeptide(L)'
_entity_poly.pdbx_seq_one_letter_code
;SPNYDKWEMERTDITMKHKLGGGQYGEVYEGVWKKYSLTVAVKTLKEDTMEVEEFLKEAAVMKEIKHPNLVQLLGVCTRE
PPFYIITEFMTYGNLLDYLRECNRQEVNAVVLLYMATQISSAMEYLEKKNFIHRDLAARNCLVGENHLVKVADFGLSRLM
TGDT(PTR)TAHAGAKFPIKWTAPESLAYNKFSIKSDVWAFGVLLWEIATYGMSPYPGIDLSQVYELLEKDYRMERPEGC
PEKVYELMRACWQWNPSDRPSFAEIHQAFETMFQES
;
_entity_poly.pdbx_strand_id   A,B
#
# COMPACT_ATOMS: atom_id res chain seq x y z
N TYR A 4 17.66 7.50 -7.10
CA TYR A 4 16.92 8.16 -6.03
C TYR A 4 17.66 9.41 -5.55
N ASP A 5 18.98 9.31 -5.42
CA ASP A 5 19.77 10.45 -5.00
C ASP A 5 19.90 11.45 -6.14
N LYS A 6 19.69 10.98 -7.37
CA LYS A 6 19.74 11.86 -8.54
C LYS A 6 18.44 12.64 -8.70
N TRP A 7 17.34 12.08 -8.19
CA TRP A 7 16.04 12.72 -8.29
C TRP A 7 15.76 13.57 -7.07
N GLU A 8 16.55 13.33 -6.02
CA GLU A 8 16.31 13.94 -4.71
C GLU A 8 16.44 15.46 -4.78
N MET A 9 15.50 16.15 -4.14
CA MET A 9 15.41 17.60 -4.18
C MET A 9 15.20 18.18 -2.80
N GLU A 10 15.54 19.45 -2.65
CA GLU A 10 15.22 20.19 -1.44
C GLU A 10 13.82 20.78 -1.57
N ARG A 11 13.01 20.65 -0.53
CA ARG A 11 11.64 21.16 -0.57
C ARG A 11 11.62 22.67 -0.75
N THR A 12 12.75 23.31 -0.44
CA THR A 12 12.87 24.76 -0.58
C THR A 12 12.99 25.17 -2.03
N ASP A 13 13.26 24.22 -2.92
CA ASP A 13 13.34 24.50 -4.35
C ASP A 13 11.95 24.75 -4.93
N ILE A 14 10.92 24.37 -4.19
CA ILE A 14 9.55 24.47 -4.66
C ILE A 14 8.73 25.42 -3.79
N THR A 15 7.94 26.27 -4.44
CA THR A 15 6.97 27.11 -3.74
C THR A 15 5.56 26.78 -4.23
N MET A 16 4.69 26.41 -3.31
CA MET A 16 3.31 26.10 -3.66
C MET A 16 2.57 27.37 -4.05
N LYS A 17 1.74 27.28 -5.09
CA LYS A 17 1.07 28.47 -5.61
C LYS A 17 -0.45 28.34 -5.55
N HIS A 18 -0.98 27.21 -6.02
CA HIS A 18 -2.42 26.97 -6.01
C HIS A 18 -2.70 25.50 -5.68
N LYS A 19 -3.81 25.23 -5.01
CA LYS A 19 -4.19 23.84 -4.71
C LYS A 19 -5.14 23.31 -5.76
N LEU A 20 -4.86 22.11 -6.27
CA LEU A 20 -5.69 21.53 -7.31
C LEU A 20 -6.75 20.60 -6.74
N GLY A 23 -9.83 19.30 -6.72
CA GLY A 23 -9.35 18.63 -5.53
C GLY A 23 -9.72 17.16 -5.49
N GLN A 24 -10.05 16.61 -6.65
CA GLN A 24 -10.55 15.24 -6.76
C GLN A 24 -9.42 14.21 -6.85
N TYR A 25 -8.20 14.66 -6.63
CA TYR A 25 -7.02 13.81 -6.76
C TYR A 25 -6.30 13.61 -5.42
N GLY A 26 -6.72 14.37 -4.42
CA GLY A 26 -6.12 14.30 -3.10
C GLY A 26 -5.32 15.55 -2.75
N GLU A 27 -4.05 15.36 -2.41
CA GLU A 27 -3.18 16.47 -2.05
C GLU A 27 -2.21 16.82 -3.18
N VAL A 28 -2.72 17.51 -4.19
CA VAL A 28 -1.92 17.91 -5.34
C VAL A 28 -1.96 19.43 -5.55
N TYR A 29 -0.79 20.05 -5.60
CA TYR A 29 -0.71 21.49 -5.68
C TYR A 29 -0.03 21.96 -6.97
N GLU A 30 -0.38 23.17 -7.41
CA GLU A 30 0.31 23.83 -8.52
C GLU A 30 1.49 24.60 -7.96
N GLY A 31 2.69 24.08 -8.17
CA GLY A 31 3.88 24.68 -7.58
C GLY A 31 4.79 25.33 -8.60
N VAL A 32 5.77 26.06 -8.09
CA VAL A 32 6.74 26.73 -8.93
C VAL A 32 8.14 26.29 -8.57
N TRP A 33 8.84 25.68 -9.52
CA TRP A 33 10.23 25.32 -9.31
C TRP A 33 11.07 26.57 -9.47
N LYS A 34 11.43 27.18 -8.34
CA LYS A 34 12.06 28.50 -8.30
C LYS A 34 13.15 28.68 -9.34
N LYS A 35 14.15 27.81 -9.25
CA LYS A 35 15.36 27.86 -10.08
C LYS A 35 15.08 28.07 -11.57
N TYR A 36 14.12 27.34 -12.12
CA TYR A 36 13.84 27.40 -13.54
C TYR A 36 12.59 28.22 -13.84
N SER A 37 12.01 28.84 -12.82
CA SER A 37 10.80 29.63 -12.97
C SER A 37 9.72 28.82 -13.67
N LEU A 38 9.69 27.54 -13.35
CA LEU A 38 8.87 26.56 -14.06
C LEU A 38 7.68 26.12 -13.24
N THR A 39 6.49 26.19 -13.83
CA THR A 39 5.30 25.74 -13.13
C THR A 39 5.28 24.22 -13.09
N VAL A 40 5.13 23.67 -11.90
CA VAL A 40 5.14 22.22 -11.72
C VAL A 40 3.94 21.74 -10.90
N ALA A 41 3.75 20.44 -10.85
CA ALA A 41 2.70 19.85 -10.02
C ALA A 41 3.33 19.01 -8.92
N VAL A 42 2.86 19.20 -7.70
CA VAL A 42 3.48 18.54 -6.55
C VAL A 42 2.48 17.70 -5.76
N LYS A 43 2.79 16.44 -5.57
CA LYS A 43 1.98 15.59 -4.72
C LYS A 43 2.59 15.48 -3.34
N THR A 44 1.77 15.80 -2.33
CA THR A 44 2.22 15.83 -0.95
C THR A 44 1.60 14.70 -0.16
N LEU A 45 2.31 14.22 0.86
CA LEU A 45 1.75 13.24 1.76
C LEU A 45 1.36 13.92 3.07
N LYS A 46 0.05 13.95 3.35
CA LYS A 46 -0.46 14.59 4.55
C LYS A 46 -1.61 13.80 5.17
N GLU A 47 -1.65 13.80 6.51
CA GLU A 47 -2.72 13.16 7.29
C GLU A 47 -2.84 11.65 7.03
N ASP A 48 -1.74 11.04 6.57
CA ASP A 48 -1.69 9.62 6.27
C ASP A 48 -2.84 9.17 5.36
N THR A 49 -3.18 10.00 4.39
CA THR A 49 -4.17 9.64 3.39
C THR A 49 -3.68 8.46 2.56
N MET A 50 -2.36 8.40 2.36
CA MET A 50 -1.70 7.28 1.70
C MET A 50 -0.56 6.79 2.58
N GLU A 51 -0.38 5.47 2.65
CA GLU A 51 0.69 4.91 3.48
C GLU A 51 2.06 5.26 2.93
N VAL A 52 2.99 5.56 3.82
CA VAL A 52 4.31 6.05 3.44
C VAL A 52 5.04 5.14 2.46
N GLU A 53 5.08 3.85 2.77
CA GLU A 53 5.81 2.89 1.95
C GLU A 53 5.21 2.76 0.55
N GLU A 54 3.90 2.97 0.45
CA GLU A 54 3.22 2.96 -0.84
C GLU A 54 3.57 4.22 -1.62
N PHE A 55 3.57 5.34 -0.92
CA PHE A 55 3.93 6.62 -1.52
C PHE A 55 5.36 6.59 -2.04
N LEU A 56 6.27 6.02 -1.25
CA LEU A 56 7.67 5.94 -1.65
C LEU A 56 7.86 5.04 -2.85
N LYS A 57 7.20 3.89 -2.87
CA LYS A 57 7.35 2.97 -3.99
C LYS A 57 6.83 3.61 -5.28
N GLU A 58 5.74 4.35 -5.16
CA GLU A 58 5.18 5.09 -6.28
C GLU A 58 6.23 6.00 -6.90
N ALA A 59 6.99 6.68 -6.05
CA ALA A 59 8.03 7.61 -6.52
C ALA A 59 9.19 6.86 -7.15
N ALA A 60 9.49 5.68 -6.60
CA ALA A 60 10.58 4.85 -7.09
C ALA A 60 10.23 4.25 -8.46
N VAL A 61 8.96 3.95 -8.65
CA VAL A 61 8.46 3.39 -9.90
C VAL A 61 8.50 4.41 -11.03
N MET A 62 8.05 5.63 -10.72
CA MET A 62 7.89 6.66 -11.72
C MET A 62 9.21 7.05 -12.36
N LYS A 63 10.29 6.98 -11.60
CA LYS A 63 11.58 7.39 -12.14
C LYS A 63 12.09 6.37 -13.15
N GLU A 64 11.39 5.26 -13.30
CA GLU A 64 11.72 4.27 -14.32
C GLU A 64 10.92 4.52 -15.59
N ILE A 65 9.93 5.40 -15.48
CA ILE A 65 9.05 5.73 -16.59
C ILE A 65 9.62 6.86 -17.42
N LYS A 66 9.68 6.65 -18.73
CA LYS A 66 10.18 7.65 -19.66
C LYS A 66 9.48 7.52 -21.01
N HIS A 67 8.43 8.30 -21.20
CA HIS A 67 7.62 8.25 -22.41
C HIS A 67 6.93 9.60 -22.62
N PRO A 68 6.88 10.08 -23.86
CA PRO A 68 6.31 11.40 -24.18
C PRO A 68 4.82 11.55 -23.88
N ASN A 69 4.16 10.44 -23.56
CA ASN A 69 2.72 10.48 -23.29
C ASN A 69 2.41 9.94 -21.89
N LEU A 70 3.41 9.99 -21.02
CA LEU A 70 3.25 9.70 -19.61
C LEU A 70 3.85 10.83 -18.80
N VAL A 71 3.08 11.38 -17.87
CA VAL A 71 3.50 12.51 -17.06
C VAL A 71 4.88 12.28 -16.46
N GLN A 72 5.77 13.22 -16.70
CA GLN A 72 7.18 13.03 -16.38
C GLN A 72 7.54 13.43 -14.95
N LEU A 73 8.32 12.59 -14.30
CA LEU A 73 8.83 12.89 -12.97
C LEU A 73 9.94 13.92 -13.08
N LEU A 74 9.88 14.95 -12.27
CA LEU A 74 10.92 15.98 -12.30
C LEU A 74 11.87 15.86 -11.12
N GLY A 75 11.33 15.44 -9.98
CA GLY A 75 12.13 15.24 -8.78
C GLY A 75 11.29 14.79 -7.61
N VAL A 76 11.95 14.46 -6.50
CA VAL A 76 11.27 14.00 -5.29
C VAL A 76 11.92 14.57 -4.03
N CYS A 77 11.11 14.71 -2.98
CA CYS A 77 11.62 15.08 -1.67
C CYS A 77 11.26 13.97 -0.68
N THR A 78 12.16 13.00 -0.52
CA THR A 78 11.83 11.81 0.25
C THR A 78 12.80 11.54 1.39
N ARG A 79 13.36 12.60 1.97
CA ARG A 79 14.28 12.42 3.10
C ARG A 79 13.59 12.80 4.40
N GLU A 80 13.11 14.04 4.48
CA GLU A 80 12.36 14.47 5.64
C GLU A 80 10.92 14.76 5.27
N PRO A 81 9.96 14.24 6.06
CA PRO A 81 8.55 14.60 5.91
C PRO A 81 8.37 16.10 6.05
N PRO A 82 7.39 16.68 5.32
CA PRO A 82 6.48 16.00 4.40
C PRO A 82 7.16 15.61 3.09
N PHE A 83 6.71 14.50 2.52
CA PHE A 83 7.33 13.94 1.32
C PHE A 83 6.71 14.52 0.06
N TYR A 84 7.54 14.75 -0.96
CA TYR A 84 7.08 15.34 -2.21
C TYR A 84 7.35 14.47 -3.41
N ILE A 85 6.41 14.50 -4.35
CA ILE A 85 6.66 14.05 -5.70
C ILE A 85 6.46 15.23 -6.64
N ILE A 86 7.48 15.54 -7.44
CA ILE A 86 7.39 16.68 -8.35
C ILE A 86 7.31 16.20 -9.79
N THR A 87 6.25 16.61 -10.47
CA THR A 87 6.05 16.24 -11.87
C THR A 87 5.76 17.45 -12.73
N GLU A 88 5.81 17.26 -14.04
CA GLU A 88 5.51 18.33 -14.99
C GLU A 88 4.05 18.75 -14.92
N PHE A 89 3.79 20.02 -15.20
CA PHE A 89 2.44 20.57 -15.17
C PHE A 89 1.83 20.60 -16.58
N MET A 90 0.60 20.08 -16.69
CA MET A 90 -0.15 20.08 -17.95
C MET A 90 -1.19 21.18 -17.94
N THR A 91 -1.08 22.11 -18.90
CA THR A 91 -1.77 23.40 -18.83
C THR A 91 -3.29 23.34 -18.79
N TYR A 92 -3.89 22.42 -19.54
CA TYR A 92 -5.34 22.47 -19.75
C TYR A 92 -6.16 21.50 -18.90
N GLY A 93 -5.51 20.84 -17.94
CA GLY A 93 -6.23 20.00 -17.00
C GLY A 93 -6.47 18.59 -17.48
N ASN A 94 -7.60 18.01 -17.07
CA ASN A 94 -7.92 16.64 -17.44
C ASN A 94 -8.72 16.55 -18.73
N LEU A 95 -8.66 15.38 -19.36
CA LEU A 95 -9.25 15.18 -20.67
C LEU A 95 -10.76 15.18 -20.65
N LEU A 96 -11.34 14.82 -19.51
CA LEU A 96 -12.79 14.76 -19.38
C LEU A 96 -13.38 16.16 -19.46
N ASP A 97 -12.89 17.04 -18.61
CA ASP A 97 -13.37 18.43 -18.59
C ASP A 97 -12.93 19.18 -19.83
N TYR A 98 -11.80 18.78 -20.39
CA TYR A 98 -11.31 19.41 -21.61
C TYR A 98 -12.27 19.17 -22.75
N LEU A 99 -12.64 17.91 -22.92
CA LEU A 99 -13.50 17.50 -24.02
C LEU A 99 -14.90 18.05 -23.88
N ARG A 100 -15.36 18.19 -22.64
CA ARG A 100 -16.69 18.70 -22.39
C ARG A 100 -16.79 20.18 -22.74
N GLU A 101 -15.70 20.91 -22.56
CA GLU A 101 -15.71 22.36 -22.68
C GLU A 101 -14.99 22.88 -23.91
N CYS A 102 -14.75 22.01 -24.88
CA CYS A 102 -13.91 22.37 -26.02
C CYS A 102 -14.70 22.96 -27.18
N ASN A 103 -13.97 23.50 -28.15
CA ASN A 103 -14.50 23.85 -29.44
C ASN A 103 -14.35 22.65 -30.37
N ARG A 104 -15.45 21.95 -30.63
CA ARG A 104 -15.42 20.71 -31.40
C ARG A 104 -15.02 20.93 -32.86
N GLN A 105 -14.99 22.19 -33.28
CA GLN A 105 -14.48 22.55 -34.60
C GLN A 105 -12.96 22.56 -34.59
N GLU A 106 -12.39 22.85 -33.42
CA GLU A 106 -10.95 22.76 -33.24
C GLU A 106 -10.58 21.32 -32.88
N VAL A 107 -11.15 20.82 -31.79
CA VAL A 107 -10.99 19.42 -31.40
C VAL A 107 -11.91 18.55 -32.23
N ASN A 108 -11.51 18.30 -33.48
CA ASN A 108 -12.36 17.59 -34.41
C ASN A 108 -12.03 16.10 -34.45
N ALA A 109 -12.43 15.44 -35.53
CA ALA A 109 -12.25 13.99 -35.63
C ALA A 109 -10.78 13.62 -35.63
N VAL A 110 -9.99 14.41 -36.35
CA VAL A 110 -8.57 14.13 -36.47
C VAL A 110 -7.89 14.31 -35.12
N VAL A 111 -8.33 15.30 -34.37
CA VAL A 111 -7.77 15.54 -33.05
C VAL A 111 -8.15 14.42 -32.08
N LEU A 112 -9.37 13.89 -32.21
CA LEU A 112 -9.79 12.75 -31.40
C LEU A 112 -8.93 11.53 -31.71
N LEU A 113 -8.64 11.35 -32.99
CA LEU A 113 -7.76 10.29 -33.44
C LEU A 113 -6.38 10.46 -32.83
N TYR A 114 -5.89 11.70 -32.87
CA TYR A 114 -4.58 12.04 -32.35
C TYR A 114 -4.50 11.74 -30.86
N MET A 115 -5.56 12.09 -30.14
CA MET A 115 -5.63 11.86 -28.70
C MET A 115 -5.57 10.38 -28.32
N ALA A 116 -6.23 9.53 -29.11
CA ALA A 116 -6.24 8.11 -28.83
C ALA A 116 -4.89 7.46 -29.16
N THR A 117 -4.24 7.97 -30.20
CA THR A 117 -2.95 7.45 -30.63
C THR A 117 -1.90 7.67 -29.55
N GLN A 118 -1.97 8.83 -28.90
CA GLN A 118 -1.03 9.17 -27.85
C GLN A 118 -1.22 8.26 -26.65
N ILE A 119 -2.47 8.07 -26.24
CA ILE A 119 -2.78 7.25 -25.08
C ILE A 119 -2.40 5.79 -25.30
N SER A 120 -2.74 5.26 -26.48
CA SER A 120 -2.42 3.87 -26.80
C SER A 120 -0.90 3.69 -26.87
N SER A 121 -0.20 4.75 -27.25
CA SER A 121 1.26 4.74 -27.29
C SER A 121 1.84 4.52 -25.89
N ALA A 122 1.31 5.24 -24.92
CA ALA A 122 1.78 5.15 -23.55
C ALA A 122 1.51 3.78 -22.96
N MET A 123 0.36 3.21 -23.32
CA MET A 123 -0.03 1.92 -22.78
C MET A 123 0.71 0.78 -23.49
N GLU A 124 1.10 1.01 -24.74
CA GLU A 124 1.96 0.08 -25.45
C GLU A 124 3.30 0.00 -24.76
N TYR A 125 3.79 1.16 -24.35
CA TYR A 125 5.03 1.27 -23.57
C TYR A 125 4.92 0.54 -22.25
N LEU A 126 3.84 0.81 -21.50
CA LEU A 126 3.60 0.16 -20.23
C LEU A 126 3.44 -1.34 -20.38
N GLU A 127 2.94 -1.75 -21.54
CA GLU A 127 2.75 -3.15 -21.86
C GLU A 127 4.10 -3.84 -22.03
N LYS A 128 5.04 -3.13 -22.63
CA LYS A 128 6.35 -3.67 -22.96
C LYS A 128 7.26 -3.68 -21.73
N LYS A 129 7.03 -2.75 -20.82
CA LYS A 129 7.86 -2.60 -19.63
C LYS A 129 7.24 -3.25 -18.40
N ASN A 130 6.22 -4.07 -18.63
CA ASN A 130 5.56 -4.87 -17.59
C ASN A 130 4.92 -4.08 -16.45
N PHE A 131 4.09 -3.11 -16.80
CA PHE A 131 3.35 -2.32 -15.83
C PHE A 131 1.85 -2.38 -16.13
N ILE A 132 1.03 -2.07 -15.14
CA ILE A 132 -0.39 -1.89 -15.37
C ILE A 132 -0.83 -0.59 -14.73
N HIS A 133 -1.93 -0.03 -15.23
CA HIS A 133 -2.38 1.27 -14.77
C HIS A 133 -3.47 1.14 -13.70
N ARG A 134 -4.45 0.30 -13.97
CA ARG A 134 -5.55 -0.01 -13.05
C ARG A 134 -6.54 1.13 -12.78
N ASP A 135 -6.44 2.23 -13.52
CA ASP A 135 -7.47 3.26 -13.43
C ASP A 135 -7.47 4.13 -14.68
N LEU A 136 -7.39 3.48 -15.83
CA LEU A 136 -7.38 4.19 -17.09
C LEU A 136 -8.75 4.83 -17.35
N ALA A 137 -8.77 6.16 -17.39
CA ALA A 137 -10.00 6.90 -17.65
C ALA A 137 -9.67 8.28 -18.18
N ALA A 138 -10.69 9.04 -18.57
CA ALA A 138 -10.44 10.35 -19.15
C ALA A 138 -10.01 11.35 -18.09
N ARG A 139 -10.62 11.25 -16.92
CA ARG A 139 -10.30 12.12 -15.79
C ARG A 139 -8.84 11.97 -15.37
N ASN A 140 -8.22 10.86 -15.75
CA ASN A 140 -6.85 10.58 -15.37
C ASN A 140 -5.89 10.75 -16.54
N CYS A 141 -6.36 11.39 -17.60
CA CYS A 141 -5.50 11.84 -18.68
C CYS A 141 -5.40 13.35 -18.64
N LEU A 142 -4.24 13.87 -19.01
CA LEU A 142 -3.98 15.29 -18.90
C LEU A 142 -3.67 15.90 -20.26
N VAL A 143 -4.03 17.15 -20.43
CA VAL A 143 -3.88 17.80 -21.72
C VAL A 143 -2.98 19.03 -21.66
N GLY A 144 -1.96 19.03 -22.52
CA GLY A 144 -1.10 20.18 -22.68
C GLY A 144 -1.50 21.01 -23.87
N GLU A 145 -0.58 21.86 -24.32
CA GLU A 145 -0.82 22.70 -25.49
C GLU A 145 -0.79 21.86 -26.76
N ASN A 146 -1.52 22.33 -27.76
CA ASN A 146 -1.56 21.70 -29.09
C ASN A 146 -2.08 20.27 -29.04
N HIS A 147 -3.03 20.03 -28.14
CA HIS A 147 -3.75 18.75 -28.06
C HIS A 147 -2.82 17.59 -27.68
N LEU A 148 -1.82 17.90 -26.88
CA LEU A 148 -0.93 16.89 -26.32
C LEU A 148 -1.62 16.17 -25.16
N VAL A 149 -1.59 14.85 -25.16
CA VAL A 149 -2.23 14.10 -24.08
C VAL A 149 -1.23 13.18 -23.38
N LYS A 150 -1.25 13.21 -22.05
CA LYS A 150 -0.37 12.35 -21.26
C LYS A 150 -1.16 11.58 -20.21
N VAL A 151 -0.89 10.28 -20.13
CA VAL A 151 -1.53 9.43 -19.15
C VAL A 151 -0.85 9.55 -17.78
N ALA A 152 -1.64 9.74 -16.75
CA ALA A 152 -1.11 9.93 -15.40
C ALA A 152 -0.35 8.70 -14.90
N ASP A 153 0.87 8.94 -14.42
CA ASP A 153 1.74 7.87 -13.99
C ASP A 153 1.33 7.24 -12.68
N PHE A 154 0.33 7.83 -12.02
CA PHE A 154 -0.32 7.27 -10.82
C PHE A 154 0.70 6.53 -9.89
N GLY A 155 0.54 5.33 -9.29
CA GLY A 155 -0.58 4.39 -9.32
C GLY A 155 -0.33 3.21 -10.25
N LEU A 156 0.92 3.02 -10.66
CA LEU A 156 1.29 1.90 -11.53
C LEU A 156 1.78 0.72 -10.70
N SER A 157 1.45 -0.49 -11.13
CA SER A 157 1.91 -1.70 -10.46
C SER A 157 2.82 -2.49 -11.40
N ARG A 158 3.80 -3.18 -10.82
CA ARG A 158 4.67 -4.03 -11.61
C ARG A 158 3.98 -5.37 -11.84
N LEU A 159 3.99 -5.85 -13.08
CA LEU A 159 3.32 -7.08 -13.44
C LEU A 159 3.78 -7.55 -14.81
N MET A 160 4.31 -8.77 -14.88
CA MET A 160 4.72 -9.34 -16.15
C MET A 160 3.51 -9.54 -17.04
N THR A 161 3.71 -9.43 -18.35
CA THR A 161 2.63 -9.45 -19.32
C THR A 161 1.69 -10.64 -19.17
N GLY A 162 2.26 -11.81 -18.85
CA GLY A 162 1.48 -13.02 -18.75
C GLY A 162 0.97 -13.37 -17.35
N ASP A 163 0.92 -12.39 -16.47
CA ASP A 163 0.47 -12.65 -15.09
C ASP A 163 -0.78 -11.85 -14.73
N THR A 164 -1.31 -12.12 -13.54
CA THR A 164 -2.53 -11.48 -13.06
C THR A 164 -2.36 -10.86 -11.68
N THR A 166 -4.08 -9.72 -8.36
CA THR A 166 -5.30 -9.95 -7.60
C THR A 166 -5.48 -8.88 -6.53
N ALA A 167 -6.55 -8.10 -6.67
CA ALA A 167 -6.77 -6.94 -5.82
C ALA A 167 -7.14 -7.31 -4.39
N HIS A 168 -6.93 -6.39 -3.47
CA HIS A 168 -7.20 -6.65 -2.07
C HIS A 168 -8.70 -6.78 -1.81
N ALA A 169 -9.06 -7.33 -0.66
CA ALA A 169 -10.46 -7.56 -0.35
C ALA A 169 -11.11 -6.27 0.13
N GLY A 170 -12.37 -6.08 -0.27
CA GLY A 170 -13.12 -4.90 0.10
C GLY A 170 -12.83 -3.74 -0.82
N ALA A 171 -12.03 -4.01 -1.85
CA ALA A 171 -11.65 -2.98 -2.81
C ALA A 171 -12.85 -2.62 -3.68
N LYS A 172 -13.08 -1.32 -3.83
CA LYS A 172 -14.17 -0.81 -4.65
C LYS A 172 -13.60 -0.21 -5.93
N PHE A 173 -14.17 -0.60 -7.07
CA PHE A 173 -13.68 -0.20 -8.37
C PHE A 173 -14.62 0.80 -9.02
N PRO A 174 -14.13 1.58 -10.00
CA PRO A 174 -15.01 2.36 -10.88
C PRO A 174 -15.71 1.43 -11.85
N ILE A 175 -16.89 0.97 -11.46
CA ILE A 175 -17.56 -0.14 -12.12
C ILE A 175 -17.71 0.02 -13.62
N LYS A 176 -18.02 1.23 -14.06
CA LYS A 176 -18.31 1.46 -15.47
C LYS A 176 -17.05 1.47 -16.33
N TRP A 177 -15.88 1.46 -15.68
CA TRP A 177 -14.61 1.39 -16.39
C TRP A 177 -13.91 0.05 -16.18
N THR A 178 -14.54 -0.81 -15.40
CA THR A 178 -13.88 -2.00 -14.90
C THR A 178 -14.25 -3.27 -15.65
N ALA A 179 -13.23 -3.98 -16.11
CA ALA A 179 -13.38 -5.23 -16.85
C ALA A 179 -14.17 -6.26 -16.03
N PRO A 180 -14.81 -7.22 -16.73
CA PRO A 180 -15.62 -8.25 -16.06
C PRO A 180 -14.83 -9.15 -15.12
N GLU A 181 -13.62 -9.56 -15.53
CA GLU A 181 -12.82 -10.43 -14.67
C GLU A 181 -12.51 -9.73 -13.36
N SER A 182 -12.34 -8.42 -13.41
CA SER A 182 -12.05 -7.63 -12.22
C SER A 182 -13.29 -7.45 -11.33
N LEU A 183 -14.44 -7.21 -11.95
CA LEU A 183 -15.66 -7.02 -11.18
C LEU A 183 -16.04 -8.27 -10.40
N ALA A 184 -15.73 -9.42 -10.97
CA ALA A 184 -16.20 -10.68 -10.42
C ALA A 184 -15.18 -11.36 -9.52
N TYR A 185 -13.90 -11.26 -9.85
CA TYR A 185 -12.87 -11.98 -9.09
C TYR A 185 -11.67 -11.10 -8.73
N ASN A 186 -11.87 -9.79 -8.76
CA ASN A 186 -10.83 -8.81 -8.44
C ASN A 186 -9.50 -9.07 -9.11
N LYS A 187 -9.55 -9.58 -10.34
CA LYS A 187 -8.33 -9.89 -11.07
C LYS A 187 -8.03 -8.81 -12.10
N PHE A 188 -6.76 -8.45 -12.21
CA PHE A 188 -6.37 -7.40 -13.14
C PHE A 188 -5.25 -7.86 -14.06
N SER A 189 -5.26 -7.35 -15.27
CA SER A 189 -4.30 -7.70 -16.29
C SER A 189 -4.08 -6.49 -17.17
N ILE A 190 -3.08 -6.53 -18.02
CA ILE A 190 -2.92 -5.47 -19.01
C ILE A 190 -4.13 -5.50 -19.94
N LYS A 191 -4.73 -6.68 -20.08
CA LYS A 191 -5.92 -6.86 -20.88
C LYS A 191 -7.15 -6.23 -20.22
N SER A 192 -7.13 -6.10 -18.90
CA SER A 192 -8.20 -5.38 -18.21
C SER A 192 -8.01 -3.88 -18.40
N ASP A 193 -6.78 -3.45 -18.61
CA ASP A 193 -6.50 -2.06 -18.96
C ASP A 193 -6.96 -1.77 -20.38
N VAL A 194 -6.88 -2.78 -21.24
CA VAL A 194 -7.40 -2.69 -22.59
C VAL A 194 -8.90 -2.45 -22.55
N TRP A 195 -9.58 -3.13 -21.63
CA TRP A 195 -11.01 -2.93 -21.46
C TRP A 195 -11.29 -1.49 -21.11
N ALA A 196 -10.56 -0.97 -20.13
CA ALA A 196 -10.74 0.40 -19.68
C ALA A 196 -10.47 1.38 -20.80
N PHE A 197 -9.47 1.07 -21.64
CA PHE A 197 -9.14 1.92 -22.78
C PHE A 197 -10.33 2.12 -23.70
N GLY A 198 -11.08 1.04 -23.93
CA GLY A 198 -12.26 1.10 -24.77
C GLY A 198 -13.32 2.02 -24.20
N VAL A 199 -13.47 2.00 -22.88
CA VAL A 199 -14.41 2.89 -22.22
C VAL A 199 -13.90 4.32 -22.34
N LEU A 200 -12.58 4.49 -22.26
CA LEU A 200 -11.96 5.78 -22.47
C LEU A 200 -12.17 6.22 -23.91
N LEU A 201 -12.09 5.26 -24.82
CA LEU A 201 -12.24 5.52 -26.25
C LEU A 201 -13.63 6.04 -26.54
N TRP A 202 -14.59 5.58 -25.73
CA TRP A 202 -15.98 5.99 -25.82
C TRP A 202 -16.16 7.40 -25.27
N GLU A 203 -15.43 7.71 -24.21
CA GLU A 203 -15.51 9.04 -23.61
C GLU A 203 -15.00 10.10 -24.56
N ILE A 204 -14.01 9.73 -25.36
CA ILE A 204 -13.43 10.65 -26.32
C ILE A 204 -14.41 10.94 -27.44
N ALA A 205 -15.03 9.90 -27.97
CA ALA A 205 -15.94 10.06 -29.10
C ALA A 205 -17.22 10.78 -28.70
N THR A 206 -17.56 10.70 -27.42
CA THR A 206 -18.78 11.34 -26.92
C THR A 206 -18.46 12.70 -26.34
N TYR A 207 -17.19 13.08 -26.43
CA TYR A 207 -16.69 14.33 -25.90
C TYR A 207 -17.00 14.51 -24.42
N GLY A 208 -16.99 13.41 -23.67
CA GLY A 208 -17.06 13.50 -22.22
C GLY A 208 -18.35 13.04 -21.56
N MET A 209 -19.20 12.34 -22.28
CA MET A 209 -20.42 11.82 -21.69
C MET A 209 -20.11 10.69 -20.72
N SER A 210 -20.97 10.50 -19.73
CA SER A 210 -20.76 9.46 -18.73
C SER A 210 -21.17 8.11 -19.30
N PRO A 211 -20.38 7.06 -19.03
CA PRO A 211 -20.60 5.75 -19.63
C PRO A 211 -21.83 5.07 -19.10
N TYR A 212 -22.36 4.13 -19.88
CA TYR A 212 -23.58 3.40 -19.57
C TYR A 212 -24.62 4.30 -18.93
N PRO A 213 -25.07 5.34 -19.66
CA PRO A 213 -25.95 6.36 -19.10
C PRO A 213 -27.23 5.82 -18.51
N GLY A 214 -27.46 6.12 -17.24
CA GLY A 214 -28.72 5.79 -16.58
C GLY A 214 -28.76 4.36 -16.08
N ILE A 215 -27.85 3.54 -16.58
CA ILE A 215 -27.79 2.14 -16.18
C ILE A 215 -27.24 2.00 -14.77
N ASP A 216 -27.91 1.19 -13.95
CA ASP A 216 -27.54 1.02 -12.56
C ASP A 216 -26.30 0.16 -12.39
N LEU A 217 -25.38 0.63 -11.56
CA LEU A 217 -24.10 -0.03 -11.33
C LEU A 217 -24.26 -1.46 -10.84
N SER A 218 -25.30 -1.72 -10.07
CA SER A 218 -25.58 -3.07 -9.60
C SER A 218 -25.93 -4.04 -10.74
N GLN A 219 -26.40 -3.52 -11.85
CA GLN A 219 -26.81 -4.38 -12.96
C GLN A 219 -25.93 -4.24 -14.19
N VAL A 220 -24.68 -3.82 -14.01
CA VAL A 220 -23.78 -3.66 -15.13
C VAL A 220 -23.11 -4.98 -15.50
N TYR A 221 -22.59 -5.68 -14.49
CA TYR A 221 -21.94 -6.95 -14.71
C TYR A 221 -22.91 -7.97 -15.27
N GLU A 222 -24.15 -7.92 -14.78
CA GLU A 222 -25.19 -8.82 -15.23
C GLU A 222 -25.50 -8.57 -16.71
N LEU A 223 -25.46 -7.31 -17.11
CA LEU A 223 -25.65 -6.95 -18.51
C LEU A 223 -24.46 -7.38 -19.35
N LEU A 224 -23.26 -7.24 -18.80
CA LEU A 224 -22.06 -7.54 -19.56
C LEU A 224 -21.95 -9.03 -19.88
N GLU A 225 -22.30 -9.88 -18.93
CA GLU A 225 -22.20 -11.32 -19.15
C GLU A 225 -23.28 -11.82 -20.10
N LYS A 226 -24.25 -10.96 -20.41
CA LYS A 226 -25.27 -11.29 -21.40
C LYS A 226 -24.99 -10.56 -22.72
N ASP A 227 -23.72 -10.19 -22.90
CA ASP A 227 -23.23 -9.52 -24.11
C ASP A 227 -23.95 -8.22 -24.45
N TYR A 228 -24.14 -7.37 -23.44
CA TYR A 228 -24.55 -6.01 -23.69
C TYR A 228 -23.32 -5.13 -23.70
N ARG A 229 -23.25 -4.22 -24.67
CA ARG A 229 -22.18 -3.26 -24.78
C ARG A 229 -22.78 -1.93 -25.18
N MET A 230 -22.14 -0.82 -24.81
CA MET A 230 -22.59 0.50 -25.22
C MET A 230 -22.68 0.59 -26.75
N GLU A 231 -23.62 1.39 -27.23
CA GLU A 231 -23.80 1.53 -28.67
C GLU A 231 -22.81 2.53 -29.24
N ARG A 232 -22.58 2.43 -30.55
CA ARG A 232 -21.70 3.38 -31.22
C ARG A 232 -22.27 4.79 -31.11
N PRO A 233 -21.48 5.71 -30.54
CA PRO A 233 -21.86 7.12 -30.40
C PRO A 233 -22.12 7.75 -31.76
N GLU A 234 -22.92 8.81 -31.79
CA GLU A 234 -23.18 9.52 -33.05
C GLU A 234 -21.91 10.18 -33.56
N GLY A 235 -21.58 9.92 -34.82
CA GLY A 235 -20.41 10.51 -35.45
C GLY A 235 -19.18 9.64 -35.36
N CYS A 236 -19.24 8.58 -34.57
CA CYS A 236 -18.10 7.70 -34.40
C CYS A 236 -17.88 6.78 -35.59
N PRO A 237 -16.68 6.82 -36.18
CA PRO A 237 -16.32 5.93 -37.28
C PRO A 237 -16.47 4.47 -36.91
N GLU A 238 -16.99 3.65 -37.82
CA GLU A 238 -17.22 2.24 -37.55
C GLU A 238 -15.92 1.54 -37.19
N LYS A 239 -14.81 2.02 -37.73
CA LYS A 239 -13.51 1.43 -37.46
C LYS A 239 -13.12 1.62 -36.00
N VAL A 240 -13.53 2.75 -35.44
CA VAL A 240 -13.24 3.06 -34.04
C VAL A 240 -14.12 2.25 -33.10
N TYR A 241 -15.37 2.06 -33.48
CA TYR A 241 -16.30 1.31 -32.65
C TYR A 241 -15.91 -0.17 -32.60
N GLU A 242 -15.33 -0.67 -33.68
CA GLU A 242 -14.92 -2.07 -33.74
C GLU A 242 -13.76 -2.31 -32.80
N LEU A 243 -12.88 -1.32 -32.67
CA LEU A 243 -11.79 -1.38 -31.71
C LEU A 243 -12.36 -1.31 -30.29
N MET A 244 -13.34 -0.43 -30.10
CA MET A 244 -14.05 -0.36 -28.82
C MET A 244 -14.61 -1.72 -28.49
N ARG A 245 -15.29 -2.33 -29.45
CA ARG A 245 -15.91 -3.63 -29.26
C ARG A 245 -14.87 -4.71 -29.01
N ALA A 246 -13.75 -4.64 -29.73
CA ALA A 246 -12.66 -5.58 -29.54
C ALA A 246 -12.13 -5.51 -28.11
N CYS A 247 -12.05 -4.30 -27.57
CA CYS A 247 -11.55 -4.10 -26.23
C CYS A 247 -12.55 -4.63 -25.20
N TRP A 248 -13.81 -4.77 -25.61
CA TRP A 248 -14.88 -5.15 -24.71
C TRP A 248 -15.30 -6.61 -24.81
N GLN A 249 -14.37 -7.47 -25.22
CA GLN A 249 -14.68 -8.89 -25.31
C GLN A 249 -14.57 -9.56 -23.96
N TRP A 250 -15.35 -10.60 -23.75
CA TRP A 250 -15.41 -11.23 -22.44
C TRP A 250 -14.07 -11.83 -22.05
N ASN A 251 -13.56 -12.74 -22.88
CA ASN A 251 -12.28 -13.36 -22.61
C ASN A 251 -11.12 -12.43 -22.91
N PRO A 252 -10.39 -12.01 -21.87
CA PRO A 252 -9.29 -11.05 -22.06
C PRO A 252 -8.25 -11.53 -23.07
N SER A 253 -8.11 -12.84 -23.25
CA SER A 253 -7.17 -13.40 -24.22
C SER A 253 -7.53 -12.97 -25.64
N ASP A 254 -8.81 -12.73 -25.88
CA ASP A 254 -9.31 -12.39 -27.20
C ASP A 254 -9.25 -10.89 -27.46
N ARG A 255 -8.92 -10.12 -26.42
CA ARG A 255 -8.79 -8.68 -26.52
C ARG A 255 -7.43 -8.29 -27.11
N PRO A 256 -7.42 -7.25 -27.96
CA PRO A 256 -6.19 -6.85 -28.63
C PRO A 256 -5.13 -6.29 -27.69
N SER A 257 -3.87 -6.42 -28.08
CA SER A 257 -2.78 -5.84 -27.34
C SER A 257 -2.69 -4.36 -27.65
N PHE A 258 -2.09 -3.59 -26.73
CA PHE A 258 -1.95 -2.15 -26.94
C PHE A 258 -1.06 -1.85 -28.15
N ALA A 259 -0.13 -2.75 -28.44
CA ALA A 259 0.72 -2.62 -29.61
C ALA A 259 -0.12 -2.69 -30.87
N GLU A 260 -1.11 -3.58 -30.88
CA GLU A 260 -2.01 -3.72 -32.01
C GLU A 260 -2.97 -2.55 -32.09
N ILE A 261 -3.44 -2.10 -30.94
CA ILE A 261 -4.35 -0.95 -30.90
C ILE A 261 -3.65 0.29 -31.42
N HIS A 262 -2.40 0.47 -31.00
CA HIS A 262 -1.66 1.67 -31.36
C HIS A 262 -1.46 1.80 -32.88
N GLN A 263 -1.04 0.70 -33.51
CA GLN A 263 -0.78 0.71 -34.94
C GLN A 263 -2.06 1.05 -35.70
N ALA A 264 -3.19 0.57 -35.18
CA ALA A 264 -4.48 0.80 -35.80
C ALA A 264 -4.81 2.27 -35.86
N PHE A 265 -4.68 2.95 -34.73
CA PHE A 265 -5.01 4.37 -34.66
C PHE A 265 -3.98 5.22 -35.39
N GLU A 266 -2.73 4.78 -35.36
CA GLU A 266 -1.69 5.51 -36.05
C GLU A 266 -1.94 5.49 -37.55
N THR A 267 -2.31 4.32 -38.06
CA THR A 267 -2.68 4.18 -39.47
C THR A 267 -3.87 5.06 -39.81
N MET A 268 -4.86 5.09 -38.92
CA MET A 268 -6.04 5.91 -39.14
C MET A 268 -5.69 7.38 -39.07
N PHE A 269 -4.68 7.70 -38.28
CA PHE A 269 -4.29 9.09 -38.11
C PHE A 269 -3.47 9.54 -39.31
N GLN A 270 -2.57 8.68 -39.75
CA GLN A 270 -1.74 8.99 -40.92
C GLN A 270 -2.61 9.14 -42.16
N GLU A 271 -3.63 8.30 -42.27
CA GLU A 271 -4.49 8.27 -43.45
C GLU A 271 -5.57 9.34 -43.47
N SER A 272 -5.47 10.34 -42.60
CA SER A 272 -6.47 11.40 -42.53
C SER A 272 -5.85 12.78 -42.80
N TYR B 4 -2.24 13.44 31.87
CA TYR B 4 -3.01 12.47 31.10
C TYR B 4 -4.41 13.01 30.82
N ASP B 5 -4.61 14.30 31.10
CA ASP B 5 -5.90 14.95 30.95
C ASP B 5 -6.41 14.87 29.51
N LYS B 6 -5.49 14.93 28.57
CA LYS B 6 -5.85 14.84 27.16
C LYS B 6 -6.35 13.44 26.80
N TRP B 7 -5.85 12.44 27.52
CA TRP B 7 -6.18 11.05 27.22
C TRP B 7 -7.29 10.51 28.11
N GLU B 8 -7.56 11.21 29.21
CA GLU B 8 -8.62 10.79 30.12
C GLU B 8 -9.99 11.05 29.53
N MET B 9 -10.68 9.99 29.16
CA MET B 9 -12.03 10.10 28.59
C MET B 9 -13.05 9.43 29.51
N GLU B 10 -14.33 9.60 29.20
CA GLU B 10 -15.41 9.00 30.00
C GLU B 10 -15.94 7.76 29.31
N ARG B 11 -16.19 6.72 30.11
CA ARG B 11 -16.65 5.44 29.57
C ARG B 11 -18.03 5.54 28.93
N THR B 12 -18.76 6.61 29.26
CA THR B 12 -20.09 6.83 28.71
C THR B 12 -20.09 6.76 27.19
N ASP B 13 -18.97 7.17 26.59
CA ASP B 13 -18.80 7.09 25.14
C ASP B 13 -18.62 5.65 24.67
N ILE B 14 -17.79 4.89 25.36
CA ILE B 14 -17.52 3.52 24.94
C ILE B 14 -18.55 2.56 25.54
N THR B 15 -19.07 1.66 24.71
CA THR B 15 -19.94 0.59 25.19
C THR B 15 -19.35 -0.73 24.74
N MET B 16 -18.86 -1.52 25.68
CA MET B 16 -18.27 -2.82 25.38
C MET B 16 -19.25 -3.67 24.59
N LYS B 17 -18.74 -4.46 23.64
CA LYS B 17 -19.60 -5.25 22.76
C LYS B 17 -19.34 -6.74 22.87
N HIS B 18 -18.08 -7.13 22.86
CA HIS B 18 -17.70 -8.54 22.94
C HIS B 18 -16.24 -8.71 23.31
N LYS B 19 -15.89 -9.85 23.89
CA LYS B 19 -14.49 -10.17 24.14
C LYS B 19 -13.80 -10.50 22.83
N LEU B 20 -12.48 -10.33 22.81
CA LEU B 20 -11.71 -10.52 21.59
C LEU B 20 -10.80 -11.74 21.69
N GLY B 22 -10.42 -14.58 20.34
CA GLY B 22 -10.63 -15.92 20.86
C GLY B 22 -10.04 -16.10 22.25
N GLY B 23 -9.87 -15.00 22.96
CA GLY B 23 -9.32 -15.02 24.30
C GLY B 23 -7.89 -15.52 24.32
N GLN B 24 -6.96 -14.66 23.93
CA GLN B 24 -5.55 -15.00 23.91
C GLN B 24 -4.67 -13.78 24.19
N TYR B 25 -5.31 -12.65 24.41
CA TYR B 25 -4.59 -11.40 24.67
C TYR B 25 -4.80 -10.95 26.11
N GLY B 26 -5.74 -11.59 26.79
CA GLY B 26 -6.09 -11.22 28.14
C GLY B 26 -7.50 -10.64 28.17
N GLU B 27 -7.66 -9.53 28.86
CA GLU B 27 -8.96 -8.88 28.96
C GLU B 27 -9.11 -7.77 27.93
N VAL B 28 -9.13 -8.15 26.66
CA VAL B 28 -9.28 -7.18 25.58
C VAL B 28 -10.65 -7.35 24.93
N TYR B 29 -11.44 -6.28 24.95
CA TYR B 29 -12.82 -6.33 24.49
C TYR B 29 -13.04 -5.45 23.26
N GLU B 30 -13.95 -5.86 22.40
CA GLU B 30 -14.41 -5.01 21.30
C GLU B 30 -15.44 -4.01 21.85
N GLY B 31 -15.46 -2.82 21.26
CA GLY B 31 -16.40 -1.77 21.62
C GLY B 31 -16.45 -0.66 20.58
N VAL B 32 -17.23 0.38 20.83
CA VAL B 32 -17.40 1.47 19.87
C VAL B 32 -17.79 2.80 20.54
N TRP B 33 -17.04 3.85 20.26
CA TRP B 33 -17.38 5.17 20.80
C TRP B 33 -18.60 5.74 20.05
N LYS B 34 -19.76 5.79 20.71
CA LYS B 34 -21.00 6.26 20.08
C LYS B 34 -20.84 7.67 19.53
N LYS B 35 -20.08 8.50 20.24
CA LYS B 35 -19.85 9.88 19.85
C LYS B 35 -19.17 10.00 18.49
N TYR B 36 -18.35 9.01 18.14
CA TYR B 36 -17.63 9.02 16.87
C TYR B 36 -17.99 7.83 16.00
N SER B 37 -18.84 6.94 16.53
CA SER B 37 -19.27 5.73 15.83
C SER B 37 -18.10 4.90 15.34
N LEU B 38 -17.12 4.73 16.23
CA LEU B 38 -15.86 4.08 15.88
C LEU B 38 -15.65 2.80 16.66
N THR B 39 -15.71 1.66 15.97
CA THR B 39 -15.36 0.39 16.58
C THR B 39 -13.94 0.47 17.12
N VAL B 40 -13.78 0.19 18.41
CA VAL B 40 -12.50 0.33 19.08
C VAL B 40 -12.07 -0.95 19.77
N ALA B 41 -10.83 -0.95 20.23
CA ALA B 41 -10.34 -2.02 21.08
C ALA B 41 -10.10 -1.48 22.49
N VAL B 42 -10.70 -2.13 23.48
CA VAL B 42 -10.53 -1.72 24.87
C VAL B 42 -9.89 -2.84 25.69
N LYS B 43 -9.14 -2.44 26.72
CA LYS B 43 -8.49 -3.39 27.60
C LYS B 43 -8.73 -3.00 29.05
N THR B 44 -9.13 -3.98 29.88
CA THR B 44 -9.59 -3.71 31.23
C THR B 44 -8.83 -4.47 32.30
N LEU B 45 -8.49 -3.78 33.39
CA LEU B 45 -7.82 -4.42 34.52
C LEU B 45 -8.82 -4.86 35.59
N GLU B 51 -0.04 -6.27 37.95
CA GLU B 51 -0.95 -5.51 38.81
C GLU B 51 -1.31 -4.17 38.18
N VAL B 52 -1.65 -3.20 39.02
CA VAL B 52 -2.11 -1.91 38.51
C VAL B 52 -0.94 -1.01 38.11
N GLU B 53 0.21 -1.19 38.74
CA GLU B 53 1.36 -0.32 38.48
C GLU B 53 1.96 -0.60 37.11
N GLU B 54 2.07 -1.88 36.76
CA GLU B 54 2.57 -2.27 35.45
C GLU B 54 1.59 -1.80 34.39
N PHE B 55 0.32 -1.82 34.72
CA PHE B 55 -0.76 -1.40 33.81
C PHE B 55 -0.72 0.09 33.55
N LEU B 56 -0.51 0.89 34.59
CA LEU B 56 -0.50 2.33 34.44
C LEU B 56 0.76 2.80 33.73
N LYS B 57 1.81 1.99 33.80
CA LYS B 57 3.07 2.33 33.17
C LYS B 57 3.01 2.19 31.65
N GLU B 58 2.42 1.10 31.17
CA GLU B 58 2.31 0.87 29.73
C GLU B 58 1.35 1.83 29.05
N ALA B 59 0.39 2.34 29.81
CA ALA B 59 -0.56 3.30 29.26
C ALA B 59 0.09 4.66 29.08
N ALA B 60 0.97 5.03 30.01
CA ALA B 60 1.67 6.31 29.92
C ALA B 60 2.73 6.25 28.85
N VAL B 61 3.06 5.03 28.44
CA VAL B 61 4.00 4.83 27.35
C VAL B 61 3.29 5.04 26.02
N MET B 62 2.07 4.51 25.90
CA MET B 62 1.32 4.59 24.65
C MET B 62 0.92 6.02 24.32
N LYS B 63 1.02 6.91 25.30
CA LYS B 63 0.70 8.31 25.08
C LYS B 63 1.84 9.03 24.35
N GLU B 64 3.06 8.55 24.54
CA GLU B 64 4.23 9.16 23.91
C GLU B 64 4.75 8.32 22.74
N ILE B 65 3.91 7.43 22.25
CA ILE B 65 4.23 6.58 21.10
C ILE B 65 3.31 6.91 19.94
N LYS B 66 3.89 7.36 18.83
CA LYS B 66 3.09 7.65 17.64
C LYS B 66 3.85 7.25 16.37
N HIS B 67 3.35 6.19 15.74
CA HIS B 67 3.90 5.70 14.48
C HIS B 67 2.77 5.03 13.70
N PRO B 68 2.76 5.18 12.37
CA PRO B 68 1.70 4.60 11.55
C PRO B 68 1.62 3.08 11.63
N ASN B 69 2.73 2.41 11.92
CA ASN B 69 2.73 0.96 12.04
C ASN B 69 2.80 0.49 13.48
N LEU B 70 2.48 1.39 14.39
CA LEU B 70 2.25 1.04 15.79
C LEU B 70 0.82 1.40 16.15
N VAL B 71 0.13 0.49 16.83
CA VAL B 71 -1.26 0.67 17.21
C VAL B 71 -1.44 1.97 17.96
N GLN B 72 -2.50 2.71 17.65
CA GLN B 72 -2.66 4.05 18.21
C GLN B 72 -3.59 4.07 19.40
N LEU B 73 -3.14 4.74 20.46
CA LEU B 73 -3.95 4.96 21.64
C LEU B 73 -4.99 6.04 21.40
N LEU B 74 -6.26 5.70 21.58
CA LEU B 74 -7.33 6.66 21.40
C LEU B 74 -7.68 7.34 22.72
N GLY B 75 -7.44 6.64 23.83
CA GLY B 75 -7.71 7.20 25.14
C GLY B 75 -7.70 6.18 26.25
N VAL B 76 -7.62 6.67 27.49
CA VAL B 76 -7.60 5.79 28.65
C VAL B 76 -8.58 6.25 29.72
N CYS B 77 -8.88 5.35 30.65
CA CYS B 77 -9.80 5.64 31.74
C CYS B 77 -9.20 5.22 33.08
N THR B 78 -8.44 6.12 33.69
CA THR B 78 -7.74 5.81 34.93
C THR B 78 -8.13 6.73 36.08
N ARG B 79 -9.44 6.91 36.28
CA ARG B 79 -9.93 7.70 37.40
C ARG B 79 -10.36 6.77 38.53
N GLU B 80 -10.83 5.60 38.15
CA GLU B 80 -11.30 4.58 39.09
C GLU B 80 -11.50 3.26 38.34
N PRO B 81 -11.40 2.14 39.06
CA PRO B 81 -11.70 0.84 38.45
C PRO B 81 -13.14 0.74 37.99
N PRO B 82 -13.40 -0.02 36.91
CA PRO B 82 -12.44 -0.66 36.01
C PRO B 82 -11.57 0.34 35.25
N PHE B 83 -10.35 -0.03 34.92
CA PHE B 83 -9.44 0.85 34.19
C PHE B 83 -9.37 0.47 32.71
N TYR B 84 -9.72 1.42 31.85
CA TYR B 84 -9.75 1.16 30.41
C TYR B 84 -8.54 1.72 29.66
N ILE B 85 -8.12 0.99 28.64
CA ILE B 85 -7.19 1.51 27.64
C ILE B 85 -7.83 1.34 26.28
N ILE B 86 -8.10 2.45 25.61
CA ILE B 86 -8.81 2.41 24.33
C ILE B 86 -7.88 2.67 23.16
N THR B 87 -7.82 1.72 22.25
CA THR B 87 -6.96 1.82 21.07
C THR B 87 -7.79 1.64 19.81
N GLU B 88 -7.19 1.95 18.66
CA GLU B 88 -7.89 1.79 17.38
C GLU B 88 -8.17 0.33 17.08
N PHE B 89 -9.07 0.07 16.15
CA PHE B 89 -9.46 -1.29 15.84
C PHE B 89 -9.01 -1.69 14.44
N MET B 90 -8.32 -2.81 14.36
CA MET B 90 -7.85 -3.36 13.09
C MET B 90 -8.82 -4.41 12.60
N THR B 91 -9.49 -4.13 11.49
CA THR B 91 -10.64 -4.93 11.07
C THR B 91 -10.28 -6.34 10.61
N TYR B 92 -9.01 -6.59 10.34
CA TYR B 92 -8.62 -7.89 9.78
C TYR B 92 -7.88 -8.80 10.76
N GLY B 93 -7.79 -8.36 12.01
CA GLY B 93 -7.26 -9.21 13.06
C GLY B 93 -5.75 -9.32 13.11
N ASN B 94 -5.27 -10.43 13.66
CA ASN B 94 -3.84 -10.64 13.84
C ASN B 94 -3.19 -11.27 12.63
N LEU B 95 -1.92 -10.95 12.43
CA LEU B 95 -1.17 -11.36 11.25
C LEU B 95 -1.06 -12.86 11.09
N LEU B 96 -0.97 -13.57 12.20
CA LEU B 96 -0.83 -15.03 12.17
C LEU B 96 -2.07 -15.69 11.59
N ASP B 97 -3.23 -15.34 12.12
CA ASP B 97 -4.48 -15.90 11.63
C ASP B 97 -4.80 -15.37 10.23
N TYR B 98 -4.36 -14.15 9.95
CA TYR B 98 -4.55 -13.55 8.64
C TYR B 98 -3.83 -14.35 7.55
N LEU B 99 -2.55 -14.60 7.75
CA LEU B 99 -1.74 -15.32 6.77
C LEU B 99 -2.20 -16.77 6.57
N ARG B 100 -2.88 -17.33 7.56
CA ARG B 100 -3.33 -18.71 7.49
C ARG B 100 -4.63 -18.83 6.70
N GLU B 101 -5.37 -17.74 6.60
CA GLU B 101 -6.70 -17.78 6.01
C GLU B 101 -6.78 -16.94 4.73
N CYS B 102 -5.68 -16.32 4.34
CA CYS B 102 -5.72 -15.37 3.24
C CYS B 102 -5.57 -16.05 1.89
N ASN B 103 -5.91 -15.33 0.84
CA ASN B 103 -5.69 -15.78 -0.51
C ASN B 103 -4.25 -15.47 -0.94
N ARG B 104 -3.43 -16.49 -1.04
CA ARG B 104 -2.01 -16.29 -1.32
C ARG B 104 -1.76 -15.73 -2.71
N GLN B 105 -2.84 -15.56 -3.47
CA GLN B 105 -2.78 -14.89 -4.77
C GLN B 105 -2.82 -13.38 -4.59
N GLU B 106 -3.63 -12.93 -3.65
CA GLU B 106 -3.65 -11.54 -3.24
C GLU B 106 -2.41 -11.28 -2.41
N VAL B 107 -2.34 -11.90 -1.24
CA VAL B 107 -1.17 -11.81 -0.38
C VAL B 107 -0.02 -12.60 -0.99
N ASN B 108 0.65 -11.98 -1.96
CA ASN B 108 1.73 -12.63 -2.68
C ASN B 108 3.09 -12.21 -2.13
N ALA B 109 4.15 -12.53 -2.86
CA ALA B 109 5.50 -12.23 -2.41
C ALA B 109 5.72 -10.73 -2.24
N VAL B 110 4.99 -9.93 -2.99
CA VAL B 110 5.18 -8.48 -2.91
C VAL B 110 4.51 -7.95 -1.66
N VAL B 111 3.35 -8.51 -1.35
CA VAL B 111 2.60 -8.10 -0.19
C VAL B 111 3.32 -8.54 1.09
N LEU B 112 4.02 -9.67 1.03
CA LEU B 112 4.75 -10.18 2.18
C LEU B 112 5.92 -9.28 2.54
N LEU B 113 6.56 -8.71 1.52
CA LEU B 113 7.64 -7.76 1.70
C LEU B 113 7.08 -6.45 2.24
N TYR B 114 5.88 -6.13 1.82
CA TYR B 114 5.22 -4.89 2.23
C TYR B 114 4.88 -4.97 3.71
N MET B 115 4.62 -6.18 4.19
CA MET B 115 4.31 -6.39 5.60
C MET B 115 5.56 -6.29 6.47
N ALA B 116 6.67 -6.81 5.96
CA ALA B 116 7.94 -6.79 6.70
C ALA B 116 8.46 -5.37 6.80
N THR B 117 8.40 -4.64 5.70
CA THR B 117 8.90 -3.26 5.66
C THR B 117 8.16 -2.40 6.67
N GLN B 118 6.88 -2.66 6.84
CA GLN B 118 6.07 -1.90 7.79
C GLN B 118 6.50 -2.15 9.21
N ILE B 119 6.66 -3.41 9.56
CA ILE B 119 7.09 -3.79 10.90
C ILE B 119 8.52 -3.31 11.14
N SER B 120 9.35 -3.36 10.10
CA SER B 120 10.72 -2.85 10.19
C SER B 120 10.72 -1.37 10.52
N SER B 121 9.76 -0.64 9.96
CA SER B 121 9.66 0.79 10.18
C SER B 121 9.32 1.08 11.64
N ALA B 122 8.35 0.36 12.17
CA ALA B 122 7.91 0.52 13.54
C ALA B 122 9.01 0.18 14.52
N MET B 123 9.78 -0.86 14.18
CA MET B 123 10.87 -1.31 15.02
C MET B 123 12.06 -0.38 14.96
N GLU B 124 12.26 0.23 13.80
CA GLU B 124 13.30 1.23 13.62
C GLU B 124 12.99 2.44 14.47
N TYR B 125 11.69 2.74 14.58
CA TYR B 125 11.19 3.83 15.40
C TYR B 125 11.48 3.59 16.88
N LEU B 126 11.26 2.37 17.34
CA LEU B 126 11.47 2.05 18.75
C LEU B 126 12.95 1.88 19.05
N GLU B 127 13.74 1.65 18.00
CA GLU B 127 15.17 1.54 18.17
C GLU B 127 15.76 2.90 18.49
N LYS B 128 15.31 3.91 17.75
CA LYS B 128 15.82 5.28 17.92
C LYS B 128 15.25 5.93 19.17
N LYS B 129 14.05 5.51 19.57
CA LYS B 129 13.42 6.08 20.75
C LYS B 129 13.81 5.32 22.02
N ASN B 130 14.78 4.42 21.88
CA ASN B 130 15.28 3.61 22.99
C ASN B 130 14.17 2.86 23.70
N PHE B 131 13.38 2.12 22.93
CA PHE B 131 12.37 1.23 23.47
C PHE B 131 12.70 -0.19 23.05
N ILE B 132 12.07 -1.17 23.70
CA ILE B 132 12.12 -2.55 23.26
C ILE B 132 10.72 -3.17 23.34
N HIS B 133 10.53 -4.31 22.70
CA HIS B 133 9.20 -4.90 22.62
C HIS B 133 9.04 -6.12 23.52
N ARG B 134 9.98 -7.07 23.39
CA ARG B 134 10.02 -8.32 24.17
C ARG B 134 8.91 -9.32 23.82
N ASP B 135 8.08 -8.99 22.83
CA ASP B 135 7.09 -9.93 22.33
C ASP B 135 6.80 -9.67 20.86
N LEU B 136 7.84 -9.78 20.05
CA LEU B 136 7.72 -9.59 18.62
C LEU B 136 7.40 -10.92 17.95
N ALA B 137 6.14 -11.08 17.55
CA ALA B 137 5.68 -12.29 16.88
C ALA B 137 4.46 -11.96 16.03
N ALA B 138 4.08 -12.86 15.12
CA ALA B 138 3.02 -12.58 14.17
C ALA B 138 1.68 -12.43 14.88
N ARG B 139 1.52 -13.18 15.95
CA ARG B 139 0.28 -13.09 16.71
C ARG B 139 0.03 -11.68 17.24
N ASN B 140 1.08 -10.90 17.41
CA ASN B 140 0.93 -9.63 18.08
C ASN B 140 1.12 -8.52 17.07
N CYS B 141 1.00 -8.91 15.82
CA CYS B 141 0.89 -7.94 14.78
C CYS B 141 -0.54 -7.90 14.31
N LEU B 142 -0.99 -6.71 13.92
CA LEU B 142 -2.37 -6.52 13.51
C LEU B 142 -2.50 -6.02 12.08
N VAL B 143 -3.53 -6.50 11.37
CA VAL B 143 -3.71 -6.16 9.97
C VAL B 143 -4.99 -5.35 9.76
N GLY B 144 -4.93 -4.42 8.82
CA GLY B 144 -6.08 -3.59 8.48
C GLY B 144 -6.38 -3.56 6.99
N GLU B 145 -7.00 -2.48 6.53
CA GLU B 145 -7.39 -2.36 5.14
C GLU B 145 -6.16 -2.28 4.24
N ASN B 146 -6.26 -2.91 3.08
CA ASN B 146 -5.19 -2.92 2.08
C ASN B 146 -3.83 -3.27 2.66
N HIS B 147 -3.77 -4.42 3.32
CA HIS B 147 -2.52 -5.00 3.79
C HIS B 147 -1.72 -4.10 4.74
N LEU B 148 -2.40 -3.16 5.38
CA LEU B 148 -1.76 -2.33 6.40
C LEU B 148 -1.44 -3.17 7.61
N VAL B 149 -0.22 -3.04 8.12
CA VAL B 149 0.19 -3.82 9.29
C VAL B 149 0.72 -2.93 10.41
N LYS B 150 0.16 -3.12 11.60
CA LYS B 150 0.60 -2.39 12.78
C LYS B 150 1.08 -3.35 13.86
N VAL B 151 2.12 -2.97 14.57
CA VAL B 151 2.61 -3.76 15.69
C VAL B 151 1.88 -3.34 16.97
N ALA B 152 1.52 -4.31 17.80
CA ALA B 152 0.82 -4.02 19.05
C ALA B 152 1.79 -3.50 20.12
N ASP B 153 1.40 -2.41 20.80
CA ASP B 153 2.24 -1.70 21.75
C ASP B 153 2.38 -2.41 23.08
N PHE B 154 1.32 -3.09 23.51
CA PHE B 154 1.43 -3.97 24.66
C PHE B 154 1.90 -3.22 25.89
N GLY B 155 3.00 -3.74 26.42
CA GLY B 155 3.84 -3.03 27.35
C GLY B 155 5.24 -3.06 26.77
N LEU B 156 5.62 -2.00 26.11
CA LEU B 156 6.99 -1.84 25.66
C LEU B 156 7.83 -1.54 26.88
N SER B 157 9.14 -1.58 26.73
CA SER B 157 9.98 -1.24 27.86
C SER B 157 10.94 -0.13 27.50
N ARG B 158 10.87 0.95 28.27
CA ARG B 158 11.75 2.08 28.09
C ARG B 158 13.10 1.77 28.71
N LEU B 159 14.15 1.91 27.93
CA LEU B 159 15.51 1.77 28.45
C LEU B 159 15.97 3.06 29.08
N MET B 160 15.82 3.16 30.39
CA MET B 160 16.21 4.38 31.10
C MET B 160 17.71 4.64 30.99
N THR B 161 18.49 3.57 31.10
CA THR B 161 19.93 3.66 30.93
C THR B 161 20.46 2.38 30.29
N GLY B 162 21.37 2.54 29.34
CA GLY B 162 22.01 1.40 28.72
C GLY B 162 21.24 0.88 27.52
N ASP B 163 21.65 -0.28 27.03
CA ASP B 163 21.03 -0.88 25.87
C ASP B 163 20.27 -2.16 26.22
N THR B 164 20.19 -2.44 27.52
CA THR B 164 19.60 -3.69 27.97
C THR B 164 18.56 -3.50 29.07
N THR B 166 16.53 -5.82 31.88
CA THR B 166 16.43 -7.09 32.59
C THR B 166 15.02 -7.34 33.10
N ALA B 167 14.41 -8.45 32.69
CA ALA B 167 13.07 -8.78 33.14
C ALA B 167 13.13 -9.50 34.49
N HIS B 168 11.97 -9.62 35.14
CA HIS B 168 11.86 -10.38 36.38
C HIS B 168 12.38 -11.79 36.17
N ALA B 169 13.13 -12.32 37.13
CA ALA B 169 13.80 -13.62 36.97
C ALA B 169 12.83 -14.80 37.00
N GLY B 170 11.53 -14.50 37.06
CA GLY B 170 10.51 -15.53 37.03
C GLY B 170 9.65 -15.42 35.78
N ALA B 171 9.98 -14.48 34.92
CA ALA B 171 9.21 -14.24 33.71
C ALA B 171 9.35 -15.40 32.73
N LYS B 172 8.21 -15.89 32.23
CA LYS B 172 8.21 -16.95 31.24
C LYS B 172 8.26 -16.34 29.84
N PHE B 173 9.00 -16.98 28.95
CA PHE B 173 9.19 -16.44 27.61
C PHE B 173 8.66 -17.39 26.54
N PRO B 174 8.18 -16.83 25.42
CA PRO B 174 7.96 -17.65 24.23
C PRO B 174 9.32 -18.03 23.66
N ILE B 175 9.77 -19.24 23.97
CA ILE B 175 11.14 -19.68 23.70
C ILE B 175 11.56 -19.60 22.24
N LYS B 176 10.66 -20.00 21.35
CA LYS B 176 11.01 -20.13 19.94
C LYS B 176 11.23 -18.77 19.27
N TRP B 177 10.73 -17.71 19.90
CA TRP B 177 10.95 -16.35 19.41
C TRP B 177 12.05 -15.65 20.19
N THR B 178 12.28 -16.10 21.43
CA THR B 178 13.22 -15.46 22.33
C THR B 178 14.68 -15.71 21.95
N ALA B 179 15.49 -14.67 22.02
CA ALA B 179 16.91 -14.74 21.65
C ALA B 179 17.71 -15.55 22.65
N PRO B 180 18.85 -16.12 22.21
CA PRO B 180 19.78 -16.88 23.06
C PRO B 180 20.12 -16.20 24.37
N GLU B 181 20.61 -14.96 24.30
CA GLU B 181 21.03 -14.26 25.50
C GLU B 181 19.85 -13.93 26.40
N SER B 182 18.67 -13.79 25.82
CA SER B 182 17.50 -13.47 26.60
C SER B 182 16.97 -14.72 27.32
N LEU B 183 17.31 -15.88 26.78
CA LEU B 183 16.93 -17.13 27.41
C LEU B 183 17.90 -17.51 28.52
N ALA B 184 19.16 -17.09 28.34
CA ALA B 184 20.23 -17.46 29.24
C ALA B 184 20.37 -16.47 30.40
N TYR B 185 20.08 -15.20 30.14
CA TYR B 185 20.31 -14.18 31.16
C TYR B 185 19.12 -13.24 31.38
N ASN B 186 17.98 -13.56 30.78
CA ASN B 186 16.80 -12.68 30.84
C ASN B 186 17.14 -11.24 30.45
N LYS B 187 17.99 -11.11 29.45
CA LYS B 187 18.48 -9.82 28.97
C LYS B 187 17.82 -9.46 27.64
N PHE B 188 17.14 -8.32 27.59
CA PHE B 188 16.46 -7.91 26.36
C PHE B 188 17.06 -6.63 25.77
N SER B 189 17.49 -6.72 24.52
CA SER B 189 18.01 -5.59 23.78
C SER B 189 17.18 -5.39 22.52
N ILE B 190 17.42 -4.31 21.78
CA ILE B 190 16.76 -4.14 20.50
C ILE B 190 17.37 -5.13 19.51
N LYS B 191 18.59 -5.59 19.79
CA LYS B 191 19.23 -6.63 19.00
C LYS B 191 18.66 -7.99 19.33
N SER B 192 17.96 -8.05 20.46
CA SER B 192 17.24 -9.25 20.86
C SER B 192 15.89 -9.28 20.15
N ASP B 193 15.35 -8.10 19.86
CA ASP B 193 14.11 -7.99 19.12
C ASP B 193 14.34 -8.25 17.64
N VAL B 194 15.57 -8.06 17.19
CA VAL B 194 15.94 -8.39 15.82
C VAL B 194 15.85 -9.89 15.61
N TRP B 195 16.35 -10.66 16.59
CA TRP B 195 16.24 -12.11 16.57
C TRP B 195 14.79 -12.54 16.44
N ALA B 196 13.92 -11.85 17.17
CA ALA B 196 12.50 -12.14 17.11
C ALA B 196 11.96 -11.84 15.72
N PHE B 197 12.45 -10.76 15.13
CA PHE B 197 11.94 -10.30 13.85
C PHE B 197 12.21 -11.33 12.76
N GLY B 198 13.37 -11.99 12.84
CA GLY B 198 13.73 -13.04 11.90
C GLY B 198 12.77 -14.22 11.97
N VAL B 199 12.31 -14.52 13.17
CA VAL B 199 11.35 -15.60 13.35
C VAL B 199 10.00 -15.17 12.78
N LEU B 200 9.67 -13.89 12.96
CA LEU B 200 8.45 -13.33 12.41
C LEU B 200 8.50 -13.33 10.89
N LEU B 201 9.67 -13.00 10.34
CA LEU B 201 9.92 -13.13 8.91
C LEU B 201 9.64 -14.55 8.45
N TRP B 202 10.12 -15.51 9.22
CA TRP B 202 9.89 -16.92 8.92
C TRP B 202 8.40 -17.24 9.02
N GLU B 203 7.73 -16.63 9.99
CA GLU B 203 6.29 -16.82 10.14
C GLU B 203 5.54 -16.28 8.93
N ILE B 204 6.06 -15.20 8.36
CA ILE B 204 5.43 -14.56 7.22
C ILE B 204 5.68 -15.35 5.95
N ALA B 205 6.90 -15.87 5.80
CA ALA B 205 7.27 -16.56 4.57
C ALA B 205 6.63 -17.94 4.47
N THR B 206 6.12 -18.44 5.59
CA THR B 206 5.51 -19.77 5.63
C THR B 206 3.99 -19.67 5.73
N TYR B 207 3.48 -18.44 5.77
CA TYR B 207 2.06 -18.15 5.91
C TYR B 207 1.47 -18.76 7.19
N GLY B 208 2.13 -18.49 8.30
CA GLY B 208 1.57 -18.76 9.61
C GLY B 208 1.97 -20.07 10.26
N MET B 209 3.00 -20.71 9.73
CA MET B 209 3.44 -21.99 10.26
C MET B 209 4.20 -21.81 11.57
N SER B 210 4.10 -22.80 12.44
CA SER B 210 4.73 -22.74 13.75
C SER B 210 6.23 -23.00 13.66
N PRO B 211 7.02 -22.14 14.32
CA PRO B 211 8.47 -22.24 14.27
C PRO B 211 8.98 -23.49 14.96
N TYR B 212 10.11 -24.02 14.46
CA TYR B 212 10.73 -25.21 15.00
C TYR B 212 9.73 -26.35 15.19
N PRO B 213 9.14 -26.82 14.09
CA PRO B 213 8.09 -27.84 14.17
C PRO B 213 8.61 -29.15 14.71
N GLY B 214 8.02 -29.61 15.81
CA GLY B 214 8.32 -30.93 16.33
C GLY B 214 9.59 -31.01 17.15
N ILE B 215 10.17 -29.85 17.42
CA ILE B 215 11.40 -29.79 18.20
C ILE B 215 11.07 -29.52 19.67
N ASP B 216 11.77 -30.23 20.56
CA ASP B 216 11.60 -30.07 22.01
C ASP B 216 12.17 -28.76 22.51
N LEU B 217 11.34 -27.96 23.16
CA LEU B 217 11.74 -26.64 23.65
C LEU B 217 12.97 -26.70 24.56
N SER B 218 13.25 -27.87 25.13
CA SER B 218 14.36 -28.03 26.04
C SER B 218 15.70 -27.96 25.32
N GLN B 219 15.72 -28.46 24.08
CA GLN B 219 16.96 -28.59 23.32
C GLN B 219 17.25 -27.34 22.49
N VAL B 220 16.27 -26.45 22.40
CA VAL B 220 16.33 -25.25 21.57
C VAL B 220 17.60 -24.42 21.77
N TYR B 221 17.89 -24.06 23.02
CA TYR B 221 19.06 -23.23 23.30
C TYR B 221 20.35 -23.91 22.87
N GLU B 222 20.49 -25.19 23.20
CA GLU B 222 21.70 -25.92 22.84
C GLU B 222 21.83 -26.10 21.34
N LEU B 223 20.67 -26.26 20.68
CA LEU B 223 20.63 -26.32 19.23
C LEU B 223 21.20 -25.05 18.63
N LEU B 224 20.65 -23.92 19.06
CA LEU B 224 21.08 -22.63 18.54
C LEU B 224 22.54 -22.37 18.88
N GLU B 225 22.97 -22.87 20.04
CA GLU B 225 24.36 -22.69 20.49
C GLU B 225 25.31 -23.46 19.59
N LYS B 226 24.85 -24.59 19.07
CA LYS B 226 25.65 -25.39 18.16
C LYS B 226 25.27 -25.08 16.71
N ASP B 227 24.92 -23.82 16.48
CA ASP B 227 24.70 -23.28 15.15
C ASP B 227 23.60 -23.97 14.37
N TYR B 228 22.51 -24.30 15.04
CA TYR B 228 21.33 -24.78 14.33
C TYR B 228 20.40 -23.61 14.09
N ARG B 229 20.01 -23.43 12.83
CA ARG B 229 19.07 -22.39 12.44
C ARG B 229 17.98 -22.98 11.57
N MET B 230 16.82 -22.32 11.51
CA MET B 230 15.72 -22.78 10.68
C MET B 230 16.11 -22.70 9.22
N GLU B 231 15.51 -23.55 8.39
CA GLU B 231 15.87 -23.61 6.97
C GLU B 231 14.98 -22.71 6.11
N ARG B 232 15.46 -22.45 4.90
CA ARG B 232 14.77 -21.59 3.95
C ARG B 232 13.43 -22.17 3.53
N PRO B 233 12.34 -21.51 3.89
CA PRO B 233 11.02 -21.97 3.46
C PRO B 233 10.93 -21.93 1.94
N GLU B 234 10.14 -22.81 1.35
CA GLU B 234 10.05 -22.82 -0.10
C GLU B 234 9.21 -21.65 -0.58
N GLY B 235 9.72 -20.95 -1.60
CA GLY B 235 9.06 -19.77 -2.11
C GLY B 235 9.72 -18.52 -1.58
N CYS B 236 10.57 -18.71 -0.58
CA CYS B 236 11.30 -17.61 0.07
C CYS B 236 12.53 -17.21 -0.72
N PRO B 237 12.55 -15.96 -1.23
CA PRO B 237 13.70 -15.41 -1.94
C PRO B 237 14.97 -15.53 -1.10
N GLU B 238 16.09 -15.87 -1.73
CA GLU B 238 17.32 -16.11 -0.99
C GLU B 238 17.72 -14.92 -0.13
N LYS B 239 17.55 -13.72 -0.65
CA LYS B 239 17.99 -12.52 0.06
C LYS B 239 17.14 -12.28 1.31
N VAL B 240 15.93 -12.83 1.33
CA VAL B 240 15.05 -12.73 2.49
C VAL B 240 15.49 -13.68 3.59
N TYR B 241 15.87 -14.89 3.18
CA TYR B 241 16.38 -15.86 4.13
C TYR B 241 17.75 -15.46 4.67
N GLU B 242 18.54 -14.77 3.83
CA GLU B 242 19.84 -14.26 4.26
C GLU B 242 19.67 -13.21 5.35
N LEU B 243 18.59 -12.43 5.23
CA LEU B 243 18.22 -11.46 6.25
C LEU B 243 17.77 -12.16 7.52
N MET B 244 17.02 -13.23 7.34
CA MET B 244 16.59 -14.06 8.46
C MET B 244 17.79 -14.54 9.25
N ARG B 245 18.73 -15.16 8.55
CA ARG B 245 19.90 -15.72 9.18
C ARG B 245 20.76 -14.64 9.83
N ALA B 246 20.78 -13.45 9.23
CA ALA B 246 21.51 -12.34 9.80
C ALA B 246 20.90 -11.96 11.14
N CYS B 247 19.57 -11.97 11.20
CA CYS B 247 18.86 -11.70 12.44
C CYS B 247 19.12 -12.77 13.49
N TRP B 248 19.65 -13.90 13.07
CA TRP B 248 19.84 -15.04 13.95
C TRP B 248 21.31 -15.30 14.25
N GLN B 249 22.08 -14.22 14.36
CA GLN B 249 23.49 -14.36 14.70
C GLN B 249 23.66 -14.60 16.18
N TRP B 250 24.69 -15.35 16.55
CA TRP B 250 24.91 -15.67 17.96
C TRP B 250 25.21 -14.41 18.76
N ASN B 251 26.28 -13.72 18.39
CA ASN B 251 26.62 -12.44 18.99
C ASN B 251 25.67 -11.36 18.47
N PRO B 252 24.88 -10.76 19.37
CA PRO B 252 23.93 -9.70 19.04
C PRO B 252 24.58 -8.54 18.26
N SER B 253 25.88 -8.36 18.44
CA SER B 253 26.61 -7.28 17.80
C SER B 253 26.72 -7.45 16.29
N ASP B 254 26.70 -8.71 15.83
CA ASP B 254 26.84 -9.00 14.41
C ASP B 254 25.48 -9.04 13.73
N ARG B 255 24.42 -9.03 14.52
CA ARG B 255 23.06 -8.91 14.01
C ARG B 255 22.86 -7.52 13.43
N PRO B 256 21.98 -7.40 12.43
CA PRO B 256 21.72 -6.10 11.79
C PRO B 256 20.79 -5.22 12.63
N SER B 257 20.82 -3.91 12.37
CA SER B 257 19.94 -2.98 13.07
C SER B 257 18.62 -2.90 12.32
N PHE B 258 17.58 -2.46 13.02
CA PHE B 258 16.27 -2.35 12.42
C PHE B 258 16.24 -1.29 11.32
N ALA B 259 17.26 -0.44 11.32
CA ALA B 259 17.38 0.58 10.30
C ALA B 259 17.88 -0.02 8.99
N GLU B 260 18.89 -0.88 9.08
CA GLU B 260 19.42 -1.56 7.91
C GLU B 260 18.43 -2.59 7.39
N ILE B 261 17.69 -3.18 8.32
CA ILE B 261 16.66 -4.15 7.98
C ILE B 261 15.56 -3.50 7.18
N HIS B 262 15.09 -2.34 7.66
CA HIS B 262 14.03 -1.61 6.97
C HIS B 262 14.42 -1.22 5.57
N GLN B 263 15.66 -0.76 5.40
CA GLN B 263 16.10 -0.30 4.08
C GLN B 263 16.15 -1.48 3.11
N ALA B 264 16.55 -2.65 3.58
CA ALA B 264 16.66 -3.81 2.70
C ALA B 264 15.29 -4.22 2.18
N PHE B 265 14.36 -4.43 3.09
CA PHE B 265 13.02 -4.84 2.72
C PHE B 265 12.32 -3.76 1.92
N GLU B 266 12.70 -2.52 2.13
CA GLU B 266 12.13 -1.42 1.38
C GLU B 266 12.58 -1.47 -0.07
N THR B 267 13.89 -1.63 -0.26
CA THR B 267 14.48 -1.70 -1.58
C THR B 267 13.88 -2.85 -2.38
N MET B 268 13.69 -3.98 -1.72
CA MET B 268 13.12 -5.15 -2.38
C MET B 268 11.65 -4.95 -2.71
N PHE B 269 10.95 -4.27 -1.81
CA PHE B 269 9.52 -4.03 -1.96
C PHE B 269 9.26 -3.06 -3.11
N GLN B 270 10.11 -2.06 -3.24
CA GLN B 270 9.93 -1.04 -4.26
C GLN B 270 10.37 -1.53 -5.63
N GLU B 271 11.22 -2.54 -5.65
CA GLU B 271 11.68 -3.13 -6.90
C GLU B 271 10.72 -4.19 -7.41
N SER B 272 9.76 -4.58 -6.57
CA SER B 272 8.83 -5.64 -6.93
C SER B 272 7.46 -5.10 -7.30
#